data_8V6R
#
_entry.id   8V6R
#
_cell.length_a   39.520
_cell.length_b   92.598
_cell.length_c   139.976
_cell.angle_alpha   90.000
_cell.angle_beta   90.000
_cell.angle_gamma   90.000
#
_symmetry.space_group_name_H-M   'P 2 21 21'
#
loop_
_entity.id
_entity.type
_entity.pdbx_description
1 polymer 'Thoeris protein ThsA Macro domain-containing protein'
2 non-polymer '[(2R,3S,4R,5R)-5-(6-AMINOPURIN-9-YL)-3,4-DIHYDROXY-OXOLAN-2-YL]METHYL [HYDROXY-[[(2R,3S,4R,5S)-3,4,5-TRIHYDROXYOXOLAN-2-YL]METHOXY]PHOSPHORYL] HYDROGEN PHOSPHATE'
3 water water
#
_entity_poly.entity_id   1
_entity_poly.type   'polypeptide(L)'
_entity_poly.pdbx_seq_one_letter_code
;MHHHHHHSSGVDLGTENLYFQSNASNNLSEINLDVEGSIVTVKAGDLFRQDGFKVIAFNEYFDTQVDDVIISHNSLNGLY
IDNYLAGSVSDLDHRISNHQFEEDELLEVNHKRKVGKTQKYSLGTIFVNNDYLLTAFSKFDDKNRAFLTMPDYLAFLINF
WDKVNRIYAQKSVSVPIFGSGITRIKEHKNISDEDLLKIMLWTFRISEMRFKFPAKLTIVIHKDKIDKINLLDIKSARNG
L
;
_entity_poly.pdbx_strand_id   A,B
#
loop_
_chem_comp.id
_chem_comp.type
_chem_comp.name
_chem_comp.formula
AR6 non-polymer '[(2R,3S,4R,5R)-5-(6-AMINOPURIN-9-YL)-3,4-DIHYDROXY-OXOLAN-2-YL]METHYL [HYDROXY-[[(2R,3S,4R,5S)-3,4,5-TRIHYDROXYOXOLAN-2-YL]METHOXY]PHOSPHORYL] HYDROGEN PHOSPHATE' 'C15 H23 N5 O14 P2'
#
# COMPACT_ATOMS: atom_id res chain seq x y z
N ASN A 27 -0.52 -16.90 -25.65
CA ASN A 27 -0.11 -18.23 -26.06
C ASN A 27 0.14 -19.12 -24.83
N LEU A 28 0.73 -18.53 -23.80
CA LEU A 28 0.89 -19.18 -22.50
C LEU A 28 -0.30 -18.82 -21.62
N SER A 29 -0.99 -19.83 -21.08
CA SER A 29 -2.27 -19.62 -20.43
C SER A 29 -2.29 -20.01 -18.95
N GLU A 30 -1.20 -20.54 -18.40
CA GLU A 30 -1.18 -20.88 -16.99
C GLU A 30 0.26 -20.97 -16.52
N ILE A 31 0.48 -20.64 -15.25
CA ILE A 31 1.81 -20.65 -14.65
C ILE A 31 1.66 -20.86 -13.15
N ASN A 32 2.59 -21.62 -12.58
CA ASN A 32 2.64 -21.87 -11.14
C ASN A 32 3.93 -21.23 -10.61
N LEU A 33 3.80 -20.46 -9.53
CA LEU A 33 4.91 -19.70 -8.97
C LEU A 33 5.07 -20.03 -7.50
N ASP A 34 6.31 -20.29 -7.09
CA ASP A 34 6.63 -20.39 -5.67
C ASP A 34 6.81 -18.98 -5.13
N VAL A 35 5.89 -18.53 -4.29
CA VAL A 35 5.95 -17.22 -3.65
C VAL A 35 6.08 -17.46 -2.16
N GLU A 36 7.22 -17.09 -1.58
CA GLU A 36 7.46 -17.25 -0.15
C GLU A 36 7.21 -18.69 0.28
N GLY A 37 7.61 -19.63 -0.56
CA GLY A 37 7.49 -21.03 -0.24
C GLY A 37 6.10 -21.60 -0.41
N SER A 38 5.20 -20.89 -1.07
CA SER A 38 3.87 -21.41 -1.38
C SER A 38 3.57 -21.20 -2.87
N ILE A 39 2.93 -22.18 -3.48
CA ILE A 39 2.64 -22.13 -4.91
C ILE A 39 1.39 -21.30 -5.14
N VAL A 40 1.50 -20.32 -6.03
CA VAL A 40 0.39 -19.50 -6.47
C VAL A 40 0.15 -19.79 -7.95
N THR A 41 -1.12 -19.97 -8.31
CA THR A 41 -1.49 -20.28 -9.69
C THR A 41 -2.10 -19.05 -10.33
N VAL A 42 -1.59 -18.68 -11.50
CA VAL A 42 -2.17 -17.66 -12.35
C VAL A 42 -2.56 -18.34 -13.65
N LYS A 43 -3.84 -18.27 -14.01
CA LYS A 43 -4.30 -18.98 -15.19
C LYS A 43 -5.45 -18.24 -15.84
N ALA A 44 -5.62 -18.49 -17.13
CA ALA A 44 -6.80 -18.06 -17.85
C ALA A 44 -7.96 -18.98 -17.49
N GLY A 45 -9.16 -18.42 -17.41
CA GLY A 45 -10.33 -19.23 -17.13
C GLY A 45 -11.53 -18.39 -16.77
N ASP A 46 -12.45 -19.03 -16.07
CA ASP A 46 -13.71 -18.42 -15.65
C ASP A 46 -13.78 -18.52 -14.13
N LEU A 47 -13.85 -17.38 -13.46
CA LEU A 47 -13.87 -17.36 -12.01
C LEU A 47 -14.99 -18.25 -11.45
N PHE A 48 -16.18 -18.20 -12.07
CA PHE A 48 -17.34 -18.92 -11.56
C PHE A 48 -17.22 -20.43 -11.73
N ARG A 49 -16.31 -20.90 -12.57
CA ARG A 49 -16.05 -22.33 -12.72
C ARG A 49 -15.02 -22.84 -11.73
N GLN A 50 -14.51 -21.97 -10.86
CA GLN A 50 -13.44 -22.36 -9.96
C GLN A 50 -14.00 -23.13 -8.77
N ASP A 51 -13.40 -24.28 -8.47
CA ASP A 51 -13.71 -25.00 -7.25
C ASP A 51 -13.18 -24.21 -6.06
N GLY A 52 -13.88 -24.33 -4.93
CA GLY A 52 -13.46 -23.65 -3.73
C GLY A 52 -13.98 -22.21 -3.67
N PHE A 53 -13.39 -21.44 -2.77
CA PHE A 53 -13.85 -20.08 -2.54
C PHE A 53 -13.55 -19.18 -3.73
N LYS A 54 -14.56 -18.38 -4.11
CA LYS A 54 -14.45 -17.40 -5.19
C LYS A 54 -14.74 -16.01 -4.62
N VAL A 55 -13.88 -15.04 -4.94
CA VAL A 55 -13.96 -13.70 -4.37
C VAL A 55 -14.65 -12.77 -5.35
N ILE A 56 -15.73 -12.11 -4.90
CA ILE A 56 -16.48 -11.16 -5.71
C ILE A 56 -16.29 -9.77 -5.13
N ALA A 57 -15.83 -8.84 -5.96
CA ALA A 57 -15.58 -7.47 -5.52
C ALA A 57 -16.90 -6.71 -5.47
N PHE A 58 -17.39 -6.47 -4.26
CA PHE A 58 -18.49 -5.54 -4.02
C PHE A 58 -17.90 -4.16 -3.76
N ASN A 59 -18.76 -3.19 -3.44
CA ASN A 59 -18.29 -1.86 -3.08
C ASN A 59 -18.37 -1.67 -1.56
N GLU A 60 -17.95 -0.50 -1.10
CA GLU A 60 -17.82 -0.26 0.34
C GLU A 60 -19.16 -0.27 1.07
N TYR A 61 -20.28 -0.17 0.36
CA TYR A 61 -21.60 -0.29 0.97
C TYR A 61 -22.18 -1.69 0.85
N PHE A 62 -21.44 -2.64 0.27
CA PHE A 62 -22.00 -3.94 -0.07
C PHE A 62 -23.34 -3.77 -0.78
N ASP A 63 -23.38 -2.83 -1.73
CA ASP A 63 -24.57 -2.63 -2.53
C ASP A 63 -24.92 -3.90 -3.30
N THR A 64 -26.22 -4.15 -3.45
CA THR A 64 -26.71 -5.28 -4.21
C THR A 64 -27.65 -4.87 -5.34
N GLN A 65 -27.95 -3.58 -5.48
CA GLN A 65 -28.90 -3.12 -6.49
C GLN A 65 -28.19 -3.03 -7.84
N VAL A 66 -28.50 -3.97 -8.73
CA VAL A 66 -27.84 -4.09 -10.02
C VAL A 66 -28.77 -3.46 -11.05
N ASP A 67 -28.56 -2.17 -11.33
CA ASP A 67 -29.39 -1.45 -12.29
C ASP A 67 -28.59 -0.48 -13.15
N ASP A 68 -27.28 -0.69 -13.30
CA ASP A 68 -26.42 0.20 -14.06
C ASP A 68 -26.43 1.63 -13.53
N VAL A 69 -26.92 1.82 -12.30
CA VAL A 69 -26.85 3.09 -11.60
C VAL A 69 -25.96 2.98 -10.36
N ILE A 70 -26.20 1.95 -9.55
CA ILE A 70 -25.32 1.61 -8.44
C ILE A 70 -24.32 0.57 -8.95
N ILE A 71 -24.75 -0.69 -9.01
CA ILE A 71 -23.95 -1.79 -9.55
C ILE A 71 -24.39 -2.04 -10.99
N SER A 72 -23.43 -2.31 -11.87
CA SER A 72 -23.71 -2.54 -13.28
C SER A 72 -23.78 -4.03 -13.58
N HIS A 73 -24.57 -4.38 -14.60
CA HIS A 73 -24.76 -5.78 -14.96
C HIS A 73 -23.46 -6.43 -15.42
N ASN A 74 -22.53 -5.64 -15.95
CA ASN A 74 -21.33 -6.18 -16.59
C ASN A 74 -20.16 -6.40 -15.65
N SER A 75 -20.25 -5.92 -14.41
CA SER A 75 -19.23 -6.21 -13.42
C SER A 75 -19.44 -7.60 -12.83
N LEU A 76 -18.38 -8.15 -12.24
CA LEU A 76 -18.52 -9.42 -11.54
C LEU A 76 -19.48 -9.28 -10.37
N ASN A 77 -19.52 -8.10 -9.73
CA ASN A 77 -20.49 -7.82 -8.69
C ASN A 77 -21.92 -8.05 -9.20
N GLY A 78 -22.27 -7.40 -10.32
CA GLY A 78 -23.61 -7.52 -10.84
C GLY A 78 -23.89 -8.88 -11.44
N LEU A 79 -22.88 -9.46 -12.08
CA LEU A 79 -23.04 -10.77 -12.72
C LEU A 79 -23.20 -11.87 -11.68
N TYR A 80 -22.55 -11.75 -10.53
CA TYR A 80 -22.78 -12.70 -9.45
C TYR A 80 -24.21 -12.58 -8.91
N ILE A 81 -24.67 -11.35 -8.67
CA ILE A 81 -26.02 -11.16 -8.15
C ILE A 81 -27.05 -11.66 -9.14
N ASP A 82 -26.87 -11.32 -10.42
CA ASP A 82 -27.91 -11.63 -11.40
C ASP A 82 -28.03 -13.14 -11.65
N ASN A 83 -26.90 -13.84 -11.80
CA ASN A 83 -26.92 -15.20 -12.32
C ASN A 83 -26.42 -16.28 -11.38
N TYR A 84 -25.71 -15.94 -10.30
CA TYR A 84 -25.11 -16.94 -9.43
C TYR A 84 -25.56 -16.86 -7.98
N LEU A 85 -26.08 -15.73 -7.52
CA LEU A 85 -26.49 -15.60 -6.15
C LEU A 85 -27.58 -16.61 -5.80
N ALA A 86 -27.38 -17.32 -4.70
CA ALA A 86 -28.37 -18.27 -4.19
C ALA A 86 -29.38 -17.51 -3.33
N GLY A 87 -30.65 -17.63 -3.67
CA GLY A 87 -31.68 -16.90 -2.97
C GLY A 87 -31.85 -15.49 -3.51
N SER A 88 -32.80 -14.78 -2.92
CA SER A 88 -33.13 -13.45 -3.40
C SER A 88 -32.09 -12.43 -2.95
N VAL A 89 -32.12 -11.25 -3.57
CA VAL A 89 -31.26 -10.16 -3.12
C VAL A 89 -31.71 -9.67 -1.76
N SER A 90 -33.01 -9.70 -1.47
CA SER A 90 -33.50 -9.31 -0.15
C SER A 90 -32.91 -10.20 0.94
N ASP A 91 -32.90 -11.51 0.71
CA ASP A 91 -32.30 -12.42 1.69
C ASP A 91 -30.85 -12.04 1.97
N LEU A 92 -30.07 -11.76 0.91
CA LEU A 92 -28.67 -11.39 1.11
C LEU A 92 -28.55 -10.08 1.87
N ASP A 93 -29.32 -9.07 1.47
CA ASP A 93 -29.27 -7.79 2.19
C ASP A 93 -29.48 -8.00 3.67
N HIS A 94 -30.58 -8.67 4.04
CA HIS A 94 -30.87 -8.89 5.45
C HIS A 94 -29.75 -9.68 6.13
N ARG A 95 -29.19 -10.67 5.44
CA ARG A 95 -28.09 -11.44 6.04
C ARG A 95 -26.90 -10.56 6.33
N ILE A 96 -26.55 -9.66 5.41
CA ILE A 96 -25.41 -8.78 5.62
C ILE A 96 -25.70 -7.81 6.77
N SER A 97 -26.90 -7.24 6.79
CA SER A 97 -27.23 -6.28 7.83
C SER A 97 -27.18 -6.91 9.22
N ASN A 98 -27.64 -8.15 9.33
CA ASN A 98 -27.66 -8.82 10.62
C ASN A 98 -26.31 -9.41 11.01
N HIS A 99 -25.39 -9.53 10.05
CA HIS A 99 -24.11 -10.16 10.35
C HIS A 99 -23.32 -9.32 11.34
N GLN A 100 -22.54 -10.02 12.17
CA GLN A 100 -21.73 -9.37 13.21
C GLN A 100 -20.33 -9.13 12.65
N PHE A 101 -20.09 -7.92 12.16
CA PHE A 101 -18.79 -7.55 11.64
C PHE A 101 -17.90 -7.03 12.77
N GLU A 102 -16.59 -7.13 12.56
CA GLU A 102 -15.63 -6.58 13.50
C GLU A 102 -15.86 -5.07 13.64
N GLU A 103 -15.58 -4.56 14.85
CA GLU A 103 -15.74 -3.14 15.10
C GLU A 103 -14.98 -2.29 14.08
N ASP A 104 -13.78 -2.71 13.71
CA ASP A 104 -12.99 -1.94 12.76
C ASP A 104 -13.46 -2.10 11.32
N GLU A 105 -14.16 -3.20 11.01
CA GLU A 105 -14.71 -3.35 9.67
C GLU A 105 -15.89 -2.41 9.43
N LEU A 106 -16.63 -2.06 10.49
CA LEU A 106 -17.77 -1.17 10.37
C LEU A 106 -17.29 0.28 10.40
N LEU A 107 -17.61 1.02 9.35
CA LEU A 107 -17.25 2.43 9.23
C LEU A 107 -18.46 3.29 9.61
N GLU A 108 -18.44 4.55 9.23
CA GLU A 108 -19.54 5.46 9.53
C GLU A 108 -20.67 5.28 8.52
N VAL A 109 -21.82 5.86 8.85
CA VAL A 109 -23.04 5.71 8.08
C VAL A 109 -23.29 7.01 7.32
N ASN A 110 -23.32 6.92 5.98
CA ASN A 110 -23.54 8.09 5.14
C ASN A 110 -25.04 8.27 4.97
N HIS A 111 -25.63 9.18 5.75
CA HIS A 111 -27.06 9.41 5.70
C HIS A 111 -27.48 10.25 4.50
N LYS A 112 -26.56 10.98 3.88
CA LYS A 112 -26.91 11.82 2.74
C LYS A 112 -27.14 11.03 1.46
N ARG A 113 -26.71 9.77 1.41
CA ARG A 113 -26.78 9.00 0.17
C ARG A 113 -28.22 8.93 -0.33
N LYS A 114 -28.44 9.37 -1.56
CA LYS A 114 -29.77 9.41 -2.14
C LYS A 114 -30.20 8.10 -2.80
N VAL A 115 -29.25 7.23 -3.13
CA VAL A 115 -29.56 5.96 -3.78
C VAL A 115 -28.57 4.88 -3.33
N GLY A 116 -29.09 3.80 -2.77
CA GLY A 116 -28.27 2.68 -2.34
C GLY A 116 -28.23 2.55 -0.82
N LYS A 117 -27.41 1.61 -0.36
CA LYS A 117 -27.21 1.43 1.07
C LYS A 117 -26.36 2.56 1.63
N THR A 118 -26.46 2.77 2.95
CA THR A 118 -25.81 3.89 3.60
C THR A 118 -24.64 3.51 4.50
N GLN A 119 -24.57 2.27 4.95
CA GLN A 119 -23.51 1.85 5.87
C GLN A 119 -22.22 1.62 5.08
N LYS A 120 -21.22 2.46 5.31
CA LYS A 120 -19.90 2.23 4.73
C LYS A 120 -19.19 1.10 5.47
N TYR A 121 -18.39 0.35 4.73
CA TYR A 121 -17.55 -0.70 5.29
C TYR A 121 -16.11 -0.44 4.87
N SER A 122 -15.18 -0.77 5.76
CA SER A 122 -13.77 -0.59 5.46
C SER A 122 -13.33 -1.59 4.40
N LEU A 123 -12.38 -1.17 3.56
CA LEU A 123 -11.98 -1.98 2.43
C LEU A 123 -11.32 -3.28 2.89
N GLY A 124 -11.57 -4.36 2.14
CA GLY A 124 -11.11 -5.67 2.52
C GLY A 124 -12.08 -6.43 3.41
N THR A 125 -13.08 -5.77 3.97
CA THR A 125 -14.10 -6.47 4.75
C THR A 125 -14.70 -7.61 3.91
N ILE A 126 -14.97 -8.74 4.57
CA ILE A 126 -15.43 -9.93 3.90
C ILE A 126 -16.77 -10.36 4.50
N PHE A 127 -17.74 -10.64 3.63
CA PHE A 127 -18.96 -11.34 4.00
C PHE A 127 -18.95 -12.68 3.26
N VAL A 128 -18.85 -13.76 4.02
CA VAL A 128 -18.81 -15.09 3.43
C VAL A 128 -20.24 -15.51 3.08
N ASN A 129 -20.42 -16.00 1.85
CA ASN A 129 -21.74 -16.38 1.34
C ASN A 129 -21.56 -17.68 0.58
N ASN A 130 -21.87 -18.81 1.24
CA ASN A 130 -21.69 -20.13 0.65
C ASN A 130 -20.23 -20.27 0.26
N ASP A 131 -19.89 -20.58 -0.99
CA ASP A 131 -18.52 -20.69 -1.44
C ASP A 131 -18.01 -19.40 -2.07
N TYR A 132 -18.69 -18.29 -1.85
CA TYR A 132 -18.28 -17.00 -2.37
C TYR A 132 -17.84 -16.10 -1.23
N LEU A 133 -16.78 -15.33 -1.47
CA LEU A 133 -16.30 -14.33 -0.51
C LEU A 133 -16.61 -12.96 -1.11
N LEU A 134 -17.65 -12.32 -0.60
CA LEU A 134 -18.02 -10.98 -1.02
C LEU A 134 -17.20 -9.98 -0.22
N THR A 135 -16.46 -9.10 -0.90
CA THR A 135 -15.55 -8.19 -0.22
C THR A 135 -15.76 -6.77 -0.69
N ALA A 136 -15.63 -5.84 0.24
CA ALA A 136 -15.77 -4.40 -0.01
C ALA A 136 -14.49 -3.90 -0.65
N PHE A 137 -14.52 -3.68 -1.96
CA PHE A 137 -13.33 -3.35 -2.73
C PHE A 137 -13.26 -1.87 -3.10
N SER A 138 -14.27 -1.36 -3.79
CA SER A 138 -14.22 -0.03 -4.36
C SER A 138 -15.07 0.94 -3.55
N LYS A 139 -14.70 2.21 -3.66
CA LYS A 139 -15.50 3.29 -3.10
C LYS A 139 -16.41 3.85 -4.19
N PHE A 140 -17.55 4.39 -3.76
CA PHE A 140 -18.50 5.06 -4.63
C PHE A 140 -18.57 6.53 -4.20
N ASP A 141 -18.24 7.44 -5.10
CA ASP A 141 -18.31 8.87 -4.80
C ASP A 141 -19.74 9.34 -4.98
N ASP A 142 -19.96 10.66 -4.91
CA ASP A 142 -21.30 11.22 -4.96
C ASP A 142 -22.05 10.81 -6.23
N LYS A 143 -21.34 10.48 -7.30
CA LYS A 143 -21.95 10.12 -8.57
C LYS A 143 -21.90 8.62 -8.83
N ASN A 144 -21.74 7.83 -7.76
CA ASN A 144 -21.72 6.37 -7.86
C ASN A 144 -20.71 5.90 -8.91
N ARG A 145 -19.55 6.55 -8.93
CA ARG A 145 -18.41 6.10 -9.71
C ARG A 145 -17.54 5.21 -8.83
N ALA A 146 -17.24 4.00 -9.32
CA ALA A 146 -16.34 3.13 -8.59
C ALA A 146 -14.91 3.65 -8.72
N PHE A 147 -14.24 3.83 -7.59
CA PHE A 147 -12.90 4.41 -7.62
C PHE A 147 -12.10 3.97 -6.40
N LEU A 148 -10.78 4.11 -6.53
CA LEU A 148 -9.85 3.93 -5.43
C LEU A 148 -8.63 4.80 -5.70
N THR A 149 -8.02 5.31 -4.63
CA THR A 149 -6.66 5.82 -4.77
C THR A 149 -5.70 4.63 -4.80
N MET A 150 -4.48 4.88 -5.28
CA MET A 150 -3.48 3.82 -5.23
C MET A 150 -3.18 3.41 -3.80
N PRO A 151 -3.06 4.31 -2.82
CA PRO A 151 -2.96 3.84 -1.43
C PRO A 151 -4.15 3.01 -1.00
N ASP A 152 -5.38 3.42 -1.33
CA ASP A 152 -6.54 2.60 -1.01
C ASP A 152 -6.41 1.20 -1.61
N TYR A 153 -6.05 1.14 -2.89
CA TYR A 153 -5.92 -0.15 -3.56
C TYR A 153 -4.92 -1.04 -2.84
N LEU A 154 -3.73 -0.51 -2.58
CA LEU A 154 -2.72 -1.29 -1.85
C LEU A 154 -3.24 -1.68 -0.46
N ALA A 155 -3.94 -0.77 0.21
CA ALA A 155 -4.43 -1.08 1.55
C ALA A 155 -5.49 -2.19 1.50
N PHE A 156 -6.35 -2.16 0.47
CA PHE A 156 -7.31 -3.24 0.30
C PHE A 156 -6.62 -4.59 0.16
N LEU A 157 -5.60 -4.65 -0.70
CA LEU A 157 -4.92 -5.91 -0.98
C LEU A 157 -4.30 -6.48 0.29
N ILE A 158 -3.52 -5.67 1.00
CA ILE A 158 -2.86 -6.16 2.20
C ILE A 158 -3.90 -6.65 3.22
N ASN A 159 -4.89 -5.80 3.52
CA ASN A 159 -5.91 -6.19 4.47
C ASN A 159 -6.64 -7.45 4.02
N PHE A 160 -6.94 -7.55 2.72
CA PHE A 160 -7.68 -8.71 2.22
C PHE A 160 -6.81 -9.97 2.26
N TRP A 161 -5.59 -9.89 1.75
CA TRP A 161 -4.68 -11.03 1.82
C TRP A 161 -4.48 -11.47 3.27
N ASP A 162 -4.31 -10.52 4.18
CA ASP A 162 -4.15 -10.87 5.60
C ASP A 162 -5.34 -11.65 6.11
N LYS A 163 -6.55 -11.25 5.72
CA LYS A 163 -7.75 -11.92 6.21
C LYS A 163 -7.83 -13.35 5.68
N VAL A 164 -7.68 -13.54 4.36
CA VAL A 164 -7.87 -14.87 3.81
C VAL A 164 -6.73 -15.80 4.21
N ASN A 165 -5.51 -15.28 4.34
CA ASN A 165 -4.41 -16.11 4.82
C ASN A 165 -4.60 -16.50 6.28
N ARG A 166 -5.36 -15.72 7.04
CA ARG A 166 -5.68 -16.06 8.42
C ARG A 166 -6.89 -16.99 8.49
N ILE A 167 -7.97 -16.61 7.82
CA ILE A 167 -9.24 -17.32 7.96
C ILE A 167 -9.29 -18.55 7.06
N TYR A 168 -8.67 -18.50 5.89
CA TYR A 168 -8.76 -19.56 4.89
C TYR A 168 -7.39 -20.16 4.60
N ALA A 169 -6.60 -20.35 5.65
CA ALA A 169 -5.30 -20.98 5.51
C ALA A 169 -5.45 -22.37 4.89
N GLN A 170 -4.57 -22.69 3.95
CA GLN A 170 -4.50 -23.99 3.29
C GLN A 170 -5.77 -24.32 2.53
N LYS A 171 -6.61 -23.33 2.26
CA LYS A 171 -7.85 -23.51 1.52
C LYS A 171 -7.77 -22.77 0.20
N SER A 172 -8.46 -23.31 -0.80
CA SER A 172 -8.43 -22.71 -2.13
C SER A 172 -9.22 -21.40 -2.15
N VAL A 173 -8.58 -20.36 -2.68
CA VAL A 173 -9.21 -19.05 -2.84
C VAL A 173 -8.87 -18.54 -4.23
N SER A 174 -9.90 -18.25 -5.03
CA SER A 174 -9.71 -17.79 -6.40
C SER A 174 -10.18 -16.35 -6.54
N VAL A 175 -9.39 -15.54 -7.22
CA VAL A 175 -9.66 -14.12 -7.37
C VAL A 175 -9.53 -13.71 -8.83
N PRO A 176 -10.25 -12.68 -9.26
CA PRO A 176 -9.96 -12.06 -10.57
C PRO A 176 -8.88 -11.01 -10.40
N ILE A 177 -8.55 -10.27 -11.46
CA ILE A 177 -7.60 -9.17 -11.33
C ILE A 177 -8.34 -7.96 -10.79
N PHE A 178 -8.30 -7.77 -9.47
CA PHE A 178 -9.00 -6.67 -8.83
C PHE A 178 -8.68 -5.34 -9.48
N GLY A 179 -9.71 -4.53 -9.72
CA GLY A 179 -9.54 -3.19 -10.21
C GLY A 179 -9.33 -3.06 -11.70
N SER A 180 -9.24 -4.18 -12.42
CA SER A 180 -9.10 -4.12 -13.88
C SER A 180 -10.45 -3.96 -14.57
N GLY A 181 -11.52 -3.76 -13.83
CA GLY A 181 -12.82 -3.48 -14.42
C GLY A 181 -13.08 -2.00 -14.56
N ILE A 182 -14.30 -1.57 -14.24
CA ILE A 182 -14.66 -0.17 -14.40
C ILE A 182 -14.00 0.71 -13.34
N THR A 183 -13.50 0.12 -12.26
CA THR A 183 -12.87 0.90 -11.19
C THR A 183 -11.81 1.84 -11.77
N ARG A 184 -11.89 3.12 -11.41
CA ARG A 184 -10.82 4.06 -11.69
C ARG A 184 -9.90 4.09 -10.48
N ILE A 185 -8.63 3.75 -10.68
CA ILE A 185 -7.60 3.98 -9.68
C ILE A 185 -7.10 5.40 -9.89
N LYS A 186 -7.37 6.28 -8.92
CA LYS A 186 -7.07 7.70 -9.08
C LYS A 186 -5.61 7.89 -9.46
N GLU A 187 -5.38 8.75 -10.45
CA GLU A 187 -4.05 9.09 -10.97
C GLU A 187 -3.39 7.91 -11.69
N HIS A 188 -4.10 6.81 -11.87
CA HIS A 188 -3.61 5.66 -12.64
C HIS A 188 -4.73 5.14 -13.52
N LYS A 189 -5.33 6.05 -14.30
CA LYS A 189 -6.47 5.69 -15.14
C LYS A 189 -6.14 4.54 -16.08
N ASN A 190 -4.96 4.58 -16.70
CA ASN A 190 -4.60 3.64 -17.76
C ASN A 190 -3.70 2.50 -17.27
N ILE A 191 -3.71 2.20 -15.97
CA ILE A 191 -2.84 1.16 -15.46
C ILE A 191 -3.26 -0.18 -16.07
N SER A 192 -2.27 -0.94 -16.54
CA SER A 192 -2.55 -2.15 -17.30
C SER A 192 -2.95 -3.30 -16.37
N ASP A 193 -3.68 -4.26 -16.94
CA ASP A 193 -4.05 -5.45 -16.16
C ASP A 193 -2.80 -6.16 -15.64
N GLU A 194 -1.75 -6.23 -16.45
CA GLU A 194 -0.52 -6.88 -16.01
C GLU A 194 0.10 -6.15 -14.82
N ASP A 195 0.00 -4.82 -14.78
CA ASP A 195 0.55 -4.07 -13.65
C ASP A 195 -0.26 -4.35 -12.39
N LEU A 196 -1.59 -4.41 -12.50
CA LEU A 196 -2.40 -4.76 -11.34
C LEU A 196 -2.09 -6.17 -10.86
N LEU A 197 -1.83 -7.07 -11.81
CA LEU A 197 -1.50 -8.44 -11.47
C LEU A 197 -0.22 -8.51 -10.65
N LYS A 198 0.81 -7.77 -11.07
CA LYS A 198 2.07 -7.79 -10.33
C LYS A 198 1.88 -7.23 -8.93
N ILE A 199 1.10 -6.16 -8.80
CA ILE A 199 0.83 -5.56 -7.50
C ILE A 199 0.09 -6.54 -6.61
N MET A 200 -0.90 -7.24 -7.17
CA MET A 200 -1.57 -8.29 -6.41
C MET A 200 -0.58 -9.31 -5.90
N LEU A 201 0.35 -9.73 -6.76
CA LEU A 201 1.36 -10.70 -6.33
C LEU A 201 2.32 -10.10 -5.31
N TRP A 202 2.77 -8.86 -5.55
CA TRP A 202 3.65 -8.20 -4.59
C TRP A 202 3.00 -8.13 -3.21
N THR A 203 1.74 -7.70 -3.15
CA THR A 203 1.09 -7.55 -1.85
C THR A 203 0.75 -8.90 -1.23
N PHE A 204 0.42 -9.90 -2.05
CA PHE A 204 0.17 -11.22 -1.48
C PHE A 204 1.45 -11.80 -0.90
N ARG A 205 2.56 -11.64 -1.61
CA ARG A 205 3.86 -12.06 -1.08
C ARG A 205 4.10 -11.45 0.29
N ILE A 206 3.87 -10.14 0.42
CA ILE A 206 4.09 -9.46 1.70
C ILE A 206 3.20 -10.06 2.78
N SER A 207 1.94 -10.34 2.44
CA SER A 207 1.03 -10.90 3.43
C SER A 207 1.53 -12.23 3.96
N GLU A 208 2.04 -13.09 3.08
CA GLU A 208 2.41 -14.43 3.50
C GLU A 208 3.82 -14.51 4.08
N MET A 209 4.55 -13.39 4.13
CA MET A 209 5.72 -13.32 4.99
C MET A 209 5.33 -13.56 6.45
N ARG A 210 4.05 -13.35 6.80
CA ARG A 210 3.57 -13.53 8.16
C ARG A 210 2.90 -14.87 8.40
N PHE A 211 2.46 -15.56 7.34
CA PHE A 211 1.69 -16.80 7.47
C PHE A 211 2.47 -17.95 6.83
N LYS A 212 2.96 -18.87 7.66
CA LYS A 212 3.68 -20.03 7.13
C LYS A 212 2.75 -20.96 6.37
N PHE A 213 1.44 -20.87 6.59
CA PHE A 213 0.44 -21.68 5.89
C PHE A 213 -0.61 -20.74 5.33
N PRO A 214 -0.32 -20.08 4.22
CA PRO A 214 -1.28 -19.12 3.64
C PRO A 214 -2.39 -19.84 2.90
N ALA A 215 -3.33 -19.06 2.40
CA ALA A 215 -4.35 -19.62 1.52
C ALA A 215 -3.71 -20.04 0.19
N LYS A 216 -4.33 -21.04 -0.44
CA LYS A 216 -3.90 -21.52 -1.75
C LYS A 216 -4.52 -20.60 -2.80
N LEU A 217 -3.74 -19.66 -3.30
CA LEU A 217 -4.25 -18.60 -4.15
C LEU A 217 -4.22 -19.01 -5.62
N THR A 218 -5.35 -18.84 -6.29
CA THR A 218 -5.41 -18.87 -7.75
C THR A 218 -5.91 -17.51 -8.23
N ILE A 219 -5.15 -16.89 -9.13
CA ILE A 219 -5.57 -15.66 -9.79
C ILE A 219 -6.06 -16.04 -11.19
N VAL A 220 -7.32 -15.71 -11.48
CA VAL A 220 -7.95 -16.10 -12.73
C VAL A 220 -8.00 -14.88 -13.65
N ILE A 221 -7.32 -15.00 -14.78
CA ILE A 221 -7.42 -14.02 -15.86
C ILE A 221 -8.58 -14.45 -16.75
N HIS A 222 -9.49 -13.53 -17.04
CA HIS A 222 -10.61 -13.88 -17.91
C HIS A 222 -10.05 -14.40 -19.23
N LYS A 223 -10.58 -15.55 -19.68
CA LYS A 223 -9.99 -16.23 -20.84
C LYS A 223 -9.84 -15.28 -22.03
N ASP A 224 -10.85 -14.44 -22.27
CA ASP A 224 -10.80 -13.53 -23.41
C ASP A 224 -9.85 -12.36 -23.20
N LYS A 225 -9.24 -12.22 -22.03
CA LYS A 225 -8.29 -11.16 -21.75
C LYS A 225 -6.85 -11.65 -21.61
N ILE A 226 -6.60 -12.95 -21.84
CA ILE A 226 -5.25 -13.46 -21.71
C ILE A 226 -4.31 -12.81 -22.72
N ASP A 227 -4.86 -12.23 -23.79
CA ASP A 227 -4.03 -11.49 -24.75
C ASP A 227 -3.25 -10.39 -24.07
N LYS A 228 -3.83 -9.75 -23.06
CA LYS A 228 -3.24 -8.54 -22.47
C LYS A 228 -2.18 -8.84 -21.42
N ILE A 229 -1.91 -10.11 -21.13
CA ILE A 229 -1.02 -10.46 -20.03
C ILE A 229 0.02 -11.46 -20.52
N ASN A 230 1.29 -11.13 -20.33
CA ASN A 230 2.41 -12.01 -20.66
C ASN A 230 2.90 -12.64 -19.37
N LEU A 231 2.55 -13.90 -19.15
CA LEU A 231 2.88 -14.57 -17.90
C LEU A 231 4.38 -14.67 -17.67
N LEU A 232 5.20 -14.39 -18.68
CA LEU A 232 6.64 -14.41 -18.49
C LEU A 232 7.14 -13.16 -17.77
N ASP A 233 6.50 -12.01 -18.01
CA ASP A 233 6.88 -10.74 -17.38
C ASP A 233 6.43 -10.66 -15.94
N ILE A 234 6.01 -11.79 -15.38
CA ILE A 234 5.43 -11.82 -14.05
C ILE A 234 6.23 -12.67 -13.07
N LYS A 235 7.15 -13.52 -13.55
CA LYS A 235 7.85 -14.42 -12.66
C LYS A 235 8.67 -13.67 -11.63
N SER A 236 9.16 -12.47 -11.96
CA SER A 236 10.00 -11.74 -11.00
C SER A 236 9.19 -11.33 -9.77
N ALA A 237 7.89 -11.13 -9.92
CA ALA A 237 7.08 -10.71 -8.78
C ALA A 237 7.09 -11.74 -7.65
N ARG A 238 7.43 -12.99 -7.94
CA ARG A 238 7.45 -14.00 -6.89
C ARG A 238 8.57 -13.75 -5.90
N ASN A 239 9.58 -12.97 -6.29
CA ASN A 239 10.63 -12.53 -5.38
C ASN A 239 10.43 -11.08 -4.93
N GLY A 240 9.27 -10.50 -5.20
CA GLY A 240 8.98 -9.15 -4.78
C GLY A 240 9.53 -8.06 -5.66
N LEU A 241 9.91 -8.39 -6.89
CA LEU A 241 10.52 -7.45 -7.82
C LEU A 241 9.69 -7.29 -9.08
N ASN B 27 29.38 -9.10 -3.67
CA ASN B 27 30.50 -8.40 -3.04
C ASN B 27 30.71 -7.03 -3.69
N LEU B 28 29.63 -6.43 -4.20
CA LEU B 28 29.67 -5.12 -4.82
C LEU B 28 28.83 -4.14 -4.01
N SER B 29 29.01 -2.84 -4.31
CA SER B 29 28.52 -1.78 -3.45
C SER B 29 27.59 -0.79 -4.13
N GLU B 30 27.37 -0.89 -5.44
CA GLU B 30 26.47 0.01 -6.13
C GLU B 30 25.90 -0.68 -7.36
N ILE B 31 24.65 -0.37 -7.66
CA ILE B 31 23.99 -0.86 -8.87
C ILE B 31 23.04 0.22 -9.36
N ASN B 32 22.99 0.39 -10.68
CA ASN B 32 22.09 1.35 -11.32
C ASN B 32 20.99 0.58 -12.03
N LEU B 33 19.74 0.96 -11.77
CA LEU B 33 18.58 0.22 -12.24
C LEU B 33 17.78 1.06 -13.22
N ASP B 34 17.44 0.47 -14.36
CA ASP B 34 16.60 1.12 -15.36
C ASP B 34 15.14 0.81 -14.99
N VAL B 35 14.46 1.79 -14.41
CA VAL B 35 13.08 1.64 -13.94
C VAL B 35 12.23 2.62 -14.74
N GLU B 36 11.20 2.09 -15.41
CA GLU B 36 10.29 2.90 -16.20
C GLU B 36 11.04 3.95 -17.01
N GLY B 37 12.22 3.60 -17.50
CA GLY B 37 13.01 4.51 -18.30
C GLY B 37 13.77 5.56 -17.54
N SER B 38 14.04 5.34 -16.24
CA SER B 38 14.80 6.27 -15.43
C SER B 38 15.73 5.47 -14.51
N ILE B 39 16.88 6.06 -14.20
CA ILE B 39 17.90 5.37 -13.42
C ILE B 39 17.62 5.58 -11.95
N VAL B 40 17.65 4.47 -11.19
CA VAL B 40 17.59 4.49 -9.74
C VAL B 40 18.87 3.87 -9.22
N THR B 41 19.60 4.61 -8.41
CA THR B 41 20.87 4.15 -7.87
C THR B 41 20.64 3.59 -6.47
N VAL B 42 21.23 2.43 -6.20
CA VAL B 42 21.29 1.86 -4.87
C VAL B 42 22.76 1.64 -4.56
N LYS B 43 23.24 2.25 -3.49
CA LYS B 43 24.67 2.30 -3.20
C LYS B 43 24.91 2.20 -1.71
N ALA B 44 26.02 1.56 -1.35
CA ALA B 44 26.51 1.62 0.01
C ALA B 44 27.05 3.01 0.29
N GLY B 45 26.87 3.47 1.52
CA GLY B 45 27.49 4.74 1.87
C GLY B 45 26.84 5.36 3.10
N ASP B 46 26.88 6.69 3.11
CA ASP B 46 26.42 7.49 4.23
C ASP B 46 25.47 8.56 3.69
N LEU B 47 24.21 8.51 4.12
CA LEU B 47 23.22 9.46 3.62
C LEU B 47 23.69 10.89 3.79
N PHE B 48 24.25 11.22 4.96
CA PHE B 48 24.59 12.61 5.27
C PHE B 48 25.66 13.17 4.34
N ARG B 49 26.36 12.32 3.59
CA ARG B 49 27.41 12.78 2.69
C ARG B 49 26.94 12.96 1.26
N GLN B 50 25.70 12.62 0.97
CA GLN B 50 25.20 12.75 -0.40
C GLN B 50 25.08 14.22 -0.80
N ASP B 51 25.41 14.51 -2.05
CA ASP B 51 25.10 15.81 -2.63
C ASP B 51 23.62 15.87 -2.97
N GLY B 52 23.05 17.06 -2.84
CA GLY B 52 21.65 17.25 -3.16
C GLY B 52 20.73 16.98 -1.98
N PHE B 53 19.46 16.74 -2.29
CA PHE B 53 18.46 16.57 -1.24
C PHE B 53 18.66 15.24 -0.52
N LYS B 54 18.59 15.29 0.81
CA LYS B 54 18.65 14.12 1.66
C LYS B 54 17.38 14.07 2.50
N VAL B 55 16.78 12.87 2.60
CA VAL B 55 15.48 12.70 3.22
C VAL B 55 15.67 12.12 4.62
N ILE B 56 15.08 12.79 5.61
CA ILE B 56 15.14 12.37 7.01
C ILE B 56 13.72 12.06 7.48
N ALA B 57 13.53 10.84 7.98
CA ALA B 57 12.21 10.40 8.43
C ALA B 57 11.95 10.90 9.84
N PHE B 58 10.92 11.75 9.99
CA PHE B 58 10.41 12.16 11.28
C PHE B 58 9.14 11.38 11.59
N ASN B 59 8.59 11.58 12.79
CA ASN B 59 7.31 10.95 13.13
C ASN B 59 6.16 11.88 12.71
N GLU B 60 4.93 11.44 12.97
CA GLU B 60 3.76 12.14 12.47
C GLU B 60 3.55 13.50 13.13
N TYR B 61 4.15 13.74 14.29
CA TYR B 61 4.07 15.04 14.95
C TYR B 61 5.26 15.93 14.65
N PHE B 62 6.15 15.52 13.76
CA PHE B 62 7.41 16.22 13.51
C PHE B 62 8.13 16.52 14.82
N ASP B 63 8.10 15.56 15.74
CA ASP B 63 8.78 15.73 17.01
C ASP B 63 10.27 16.03 16.79
N THR B 64 10.87 16.67 17.79
CA THR B 64 12.28 17.01 17.75
C THR B 64 13.00 16.77 19.07
N GLN B 65 12.33 16.23 20.08
CA GLN B 65 12.96 15.94 21.37
C GLN B 65 13.67 14.60 21.29
N VAL B 66 15.00 14.63 21.29
CA VAL B 66 15.83 13.44 21.17
C VAL B 66 16.23 13.02 22.58
N ASP B 67 15.50 12.05 23.15
CA ASP B 67 15.71 11.60 24.52
C ASP B 67 15.71 10.07 24.62
N ASP B 68 15.93 9.37 23.51
CA ASP B 68 15.97 7.91 23.49
C ASP B 68 14.70 7.28 24.06
N VAL B 69 13.55 7.95 23.87
CA VAL B 69 12.25 7.33 24.16
C VAL B 69 11.24 7.79 23.11
N ILE B 70 11.19 9.09 22.85
CA ILE B 70 10.41 9.59 21.71
C ILE B 70 11.22 9.46 20.43
N ILE B 71 12.36 10.13 20.37
CA ILE B 71 13.27 10.06 19.25
C ILE B 71 14.59 9.48 19.73
N SER B 72 15.06 8.44 19.05
CA SER B 72 16.27 7.75 19.44
C SER B 72 17.50 8.50 18.93
N HIS B 73 18.51 8.63 19.81
CA HIS B 73 19.78 9.20 19.37
C HIS B 73 20.36 8.42 18.20
N ASN B 74 20.05 7.12 18.13
CA ASN B 74 20.60 6.24 17.09
C ASN B 74 19.89 6.39 15.75
N SER B 75 18.64 6.85 15.75
CA SER B 75 17.88 6.96 14.52
C SER B 75 18.39 8.13 13.68
N LEU B 76 18.16 8.05 12.37
CA LEU B 76 18.53 9.15 11.49
C LEU B 76 17.85 10.45 11.92
N ASN B 77 16.61 10.35 12.39
CA ASN B 77 15.93 11.52 12.96
C ASN B 77 16.77 12.13 14.07
N GLY B 78 17.25 11.31 14.99
CA GLY B 78 18.04 11.82 16.10
C GLY B 78 19.42 12.30 15.68
N LEU B 79 20.07 11.55 14.79
CA LEU B 79 21.40 11.96 14.32
C LEU B 79 21.33 13.29 13.59
N TYR B 80 20.33 13.47 12.74
CA TYR B 80 20.20 14.72 12.01
C TYR B 80 20.09 15.89 12.96
N ILE B 81 19.17 15.82 13.92
CA ILE B 81 18.98 16.91 14.87
C ILE B 81 20.24 17.10 15.70
N ASP B 82 20.78 16.00 16.25
CA ASP B 82 21.90 16.11 17.17
C ASP B 82 23.17 16.61 16.48
N ASN B 83 23.45 16.11 15.27
CA ASN B 83 24.76 16.26 14.67
C ASN B 83 24.79 17.13 13.42
N TYR B 84 23.68 17.28 12.70
CA TYR B 84 23.71 17.92 11.41
C TYR B 84 22.79 19.13 11.26
N LEU B 85 21.73 19.23 12.05
CA LEU B 85 20.82 20.37 11.94
C LEU B 85 21.59 21.67 12.15
N ALA B 86 21.62 22.51 11.12
CA ALA B 86 22.17 23.85 11.27
C ALA B 86 21.18 24.70 12.08
N GLY B 87 21.70 25.44 13.04
CA GLY B 87 20.85 26.21 13.92
C GLY B 87 20.24 25.35 15.00
N SER B 88 19.48 26.00 15.87
CA SER B 88 18.95 25.32 17.05
C SER B 88 17.71 24.52 16.70
N VAL B 89 17.36 23.61 17.62
CA VAL B 89 16.11 22.87 17.47
C VAL B 89 14.93 23.80 17.69
N SER B 90 15.10 24.83 18.53
CA SER B 90 14.03 25.79 18.77
C SER B 90 13.67 26.51 17.48
N ASP B 91 14.67 26.97 16.73
CA ASP B 91 14.39 27.65 15.47
C ASP B 91 13.65 26.74 14.50
N LEU B 92 14.01 25.46 14.48
CA LEU B 92 13.35 24.51 13.58
C LEU B 92 11.88 24.34 13.96
N ASP B 93 11.60 24.17 15.26
CA ASP B 93 10.21 24.04 15.70
C ASP B 93 9.39 25.24 15.20
N HIS B 94 9.89 26.45 15.45
CA HIS B 94 9.18 27.64 14.98
C HIS B 94 8.96 27.59 13.47
N ARG B 95 10.00 27.29 12.70
CA ARG B 95 9.86 27.25 11.25
C ARG B 95 8.79 26.27 10.84
N ILE B 96 8.83 25.05 11.38
CA ILE B 96 7.80 24.07 11.07
C ILE B 96 6.44 24.57 11.56
N SER B 97 6.41 25.14 12.76
CA SER B 97 5.14 25.62 13.32
C SER B 97 4.51 26.68 12.43
N ASN B 98 5.31 27.64 11.97
CA ASN B 98 4.79 28.77 11.21
C ASN B 98 4.62 28.48 9.73
N HIS B 99 5.13 27.35 9.24
CA HIS B 99 4.96 26.99 7.83
C HIS B 99 3.49 26.68 7.55
N GLN B 100 3.13 26.73 6.26
CA GLN B 100 1.76 26.51 5.83
C GLN B 100 1.74 25.38 4.81
N PHE B 101 1.25 24.21 5.22
CA PHE B 101 1.12 23.07 4.35
C PHE B 101 -0.26 23.07 3.70
N GLU B 102 -0.37 22.35 2.59
CA GLU B 102 -1.67 22.15 1.97
C GLU B 102 -2.64 21.57 2.99
N GLU B 103 -3.94 21.82 2.78
CA GLU B 103 -4.94 21.29 3.70
C GLU B 103 -4.97 19.77 3.68
N ASP B 104 -4.48 19.14 2.60
CA ASP B 104 -4.41 17.70 2.53
C ASP B 104 -3.43 17.10 3.52
N GLU B 105 -2.62 17.92 4.19
CA GLU B 105 -1.51 17.44 4.99
C GLU B 105 -1.65 17.73 6.48
N LEU B 106 -2.65 18.49 6.90
CA LEU B 106 -2.87 18.80 8.31
C LEU B 106 -4.00 17.95 8.86
N LEU B 107 -3.75 17.29 9.99
CA LEU B 107 -4.67 16.35 10.59
C LEU B 107 -5.04 16.79 12.01
N GLU B 108 -5.83 15.94 12.68
CA GLU B 108 -6.36 16.27 14.00
C GLU B 108 -5.24 16.51 15.00
N VAL B 109 -5.52 17.37 15.99
CA VAL B 109 -4.56 17.73 17.03
C VAL B 109 -4.80 16.85 18.24
N ASN B 110 -3.80 16.07 18.63
CA ASN B 110 -3.92 15.17 19.77
C ASN B 110 -3.74 15.98 21.05
N HIS B 111 -4.85 16.54 21.54
CA HIS B 111 -4.77 17.44 22.69
C HIS B 111 -4.33 16.72 23.96
N LYS B 112 -4.61 15.43 24.08
CA LYS B 112 -4.33 14.67 25.30
C LYS B 112 -3.04 13.87 25.19
N ARG B 113 -1.93 14.49 24.81
CA ARG B 113 -0.65 13.79 24.72
C ARG B 113 0.25 14.17 25.88
N LYS B 114 0.89 13.16 26.46
CA LYS B 114 1.74 13.39 27.62
C LYS B 114 2.88 14.36 27.31
N VAL B 115 3.62 14.09 26.22
CA VAL B 115 4.80 14.88 25.87
C VAL B 115 4.90 14.96 24.36
N GLY B 116 5.60 16.00 23.88
CA GLY B 116 5.79 16.20 22.47
C GLY B 116 4.75 17.12 21.86
N LYS B 117 4.92 17.37 20.56
CA LYS B 117 4.03 18.25 19.83
C LYS B 117 2.64 17.61 19.72
N THR B 118 1.67 18.44 19.33
CA THR B 118 0.27 18.02 19.26
C THR B 118 -0.27 17.92 17.84
N GLN B 119 0.17 18.78 16.93
CA GLN B 119 -0.33 18.73 15.56
C GLN B 119 0.12 17.44 14.89
N LYS B 120 -0.83 16.77 14.21
CA LYS B 120 -0.53 15.59 13.42
C LYS B 120 -0.51 15.95 11.95
N TYR B 121 0.36 15.28 11.20
CA TYR B 121 0.50 15.49 9.77
C TYR B 121 0.27 14.17 9.03
N SER B 122 -0.32 14.28 7.85
CA SER B 122 -0.51 13.10 7.00
C SER B 122 0.84 12.57 6.56
N LEU B 123 0.98 11.24 6.57
CA LEU B 123 2.25 10.62 6.24
C LEU B 123 2.66 10.97 4.82
N GLY B 124 3.95 11.24 4.64
CA GLY B 124 4.49 11.73 3.40
C GLY B 124 4.68 13.23 3.35
N THR B 125 4.01 13.99 4.22
CA THR B 125 4.19 15.43 4.26
C THR B 125 5.67 15.75 4.40
N ILE B 126 6.12 16.75 3.64
CA ILE B 126 7.52 17.15 3.61
C ILE B 126 7.63 18.57 4.16
N PHE B 127 8.60 18.78 5.04
CA PHE B 127 9.07 20.11 5.39
C PHE B 127 10.50 20.26 4.88
N VAL B 128 10.72 21.28 4.06
CA VAL B 128 12.05 21.53 3.51
C VAL B 128 12.89 22.28 4.52
N ASN B 129 14.14 21.84 4.68
CA ASN B 129 15.09 22.50 5.58
C ASN B 129 16.46 22.42 4.91
N ASN B 130 16.80 23.46 4.14
CA ASN B 130 18.07 23.54 3.43
C ASN B 130 18.08 22.43 2.39
N ASP B 131 19.08 21.54 2.38
CA ASP B 131 19.14 20.42 1.46
C ASP B 131 18.54 19.16 2.06
N TYR B 132 17.77 19.27 3.15
CA TYR B 132 17.18 18.13 3.82
C TYR B 132 15.66 18.18 3.69
N LEU B 133 15.06 17.06 3.29
CA LEU B 133 13.62 16.91 3.21
C LEU B 133 13.17 16.12 4.44
N LEU B 134 12.61 16.82 5.40
CA LEU B 134 12.10 16.19 6.62
C LEU B 134 10.67 15.75 6.36
N THR B 135 10.39 14.46 6.51
CA THR B 135 9.12 13.89 6.12
C THR B 135 8.46 13.17 7.30
N ALA B 136 7.15 13.33 7.41
CA ALA B 136 6.36 12.66 8.44
C ALA B 136 6.20 11.19 8.03
N PHE B 137 6.97 10.32 8.68
CA PHE B 137 7.05 8.93 8.28
C PHE B 137 6.29 8.01 9.22
N SER B 138 6.71 7.93 10.48
CA SER B 138 6.14 6.98 11.43
C SER B 138 5.08 7.65 12.28
N LYS B 139 4.13 6.86 12.76
CA LYS B 139 3.19 7.28 13.78
C LYS B 139 3.76 6.93 15.15
N PHE B 140 3.28 7.63 16.17
CA PHE B 140 3.77 7.40 17.52
C PHE B 140 2.61 7.30 18.50
N ASP B 141 2.81 6.49 19.52
CA ASP B 141 1.95 6.46 20.70
C ASP B 141 2.69 5.70 21.79
N ASP B 142 2.33 5.98 23.04
CA ASP B 142 3.02 5.34 24.16
C ASP B 142 2.94 3.83 24.11
N LYS B 143 1.97 3.27 23.37
CA LYS B 143 1.79 1.83 23.31
C LYS B 143 2.80 1.18 22.37
N ASN B 144 2.80 1.58 21.10
CA ASN B 144 3.67 1.00 20.09
C ASN B 144 4.83 1.92 19.72
N ARG B 145 5.05 3.01 20.49
CA ARG B 145 6.08 3.99 20.18
C ARG B 145 6.08 4.24 18.66
N ALA B 146 7.23 4.20 18.00
CA ALA B 146 7.27 4.46 16.56
C ALA B 146 6.79 3.21 15.81
N PHE B 147 5.71 3.36 15.03
CA PHE B 147 5.10 2.22 14.39
C PHE B 147 4.35 2.65 13.13
N LEU B 148 4.07 1.66 12.29
CA LEU B 148 3.26 1.82 11.10
C LEU B 148 2.61 0.47 10.79
N THR B 149 1.38 0.50 10.31
CA THR B 149 0.83 -0.69 9.68
C THR B 149 1.46 -0.85 8.30
N MET B 150 1.47 -2.09 7.80
CA MET B 150 1.98 -2.28 6.45
C MET B 150 1.24 -1.43 5.44
N PRO B 151 -0.09 -1.27 5.52
CA PRO B 151 -0.75 -0.31 4.61
C PRO B 151 -0.32 1.12 4.82
N ASP B 152 -0.10 1.55 6.07
CA ASP B 152 0.46 2.89 6.29
C ASP B 152 1.81 3.03 5.61
N TYR B 153 2.66 2.02 5.75
CA TYR B 153 3.98 2.07 5.12
C TYR B 153 3.87 2.22 3.62
N LEU B 154 2.98 1.44 2.98
CA LEU B 154 2.81 1.56 1.55
C LEU B 154 2.18 2.89 1.17
N ALA B 155 1.23 3.37 1.98
CA ALA B 155 0.65 4.68 1.73
C ALA B 155 1.70 5.78 1.84
N PHE B 156 2.56 5.71 2.86
CA PHE B 156 3.65 6.68 2.96
C PHE B 156 4.46 6.71 1.67
N LEU B 157 4.89 5.53 1.21
CA LEU B 157 5.78 5.47 0.05
C LEU B 157 5.11 6.06 -1.19
N ILE B 158 3.86 5.66 -1.46
CA ILE B 158 3.16 6.18 -2.63
C ILE B 158 3.04 7.70 -2.55
N ASN B 159 2.50 8.20 -1.44
CA ASN B 159 2.32 9.65 -1.30
C ASN B 159 3.67 10.36 -1.35
N PHE B 160 4.70 9.78 -0.73
CA PHE B 160 5.99 10.45 -0.71
C PHE B 160 6.61 10.48 -2.10
N TRP B 161 6.64 9.32 -2.79
CA TRP B 161 7.21 9.30 -4.14
C TRP B 161 6.48 10.26 -5.06
N ASP B 162 5.14 10.30 -4.96
CA ASP B 162 4.37 11.22 -5.77
C ASP B 162 4.77 12.68 -5.52
N LYS B 163 5.07 13.03 -4.26
CA LYS B 163 5.46 14.40 -3.96
C LYS B 163 6.82 14.73 -4.57
N VAL B 164 7.83 13.90 -4.30
CA VAL B 164 9.16 14.21 -4.77
C VAL B 164 9.22 14.18 -6.29
N ASN B 165 8.44 13.30 -6.93
CA ASN B 165 8.48 13.22 -8.40
C ASN B 165 7.84 14.43 -9.05
N ARG B 166 6.78 14.98 -8.45
CA ARG B 166 6.16 16.17 -9.00
C ARG B 166 6.96 17.40 -8.67
N ILE B 167 7.49 17.49 -7.46
CA ILE B 167 8.18 18.69 -7.00
C ILE B 167 9.64 18.69 -7.42
N TYR B 168 10.35 17.61 -7.13
CA TYR B 168 11.79 17.53 -7.37
C TYR B 168 12.11 16.74 -8.63
N ALA B 169 11.37 17.05 -9.69
CA ALA B 169 11.59 16.44 -10.98
C ALA B 169 13.01 16.71 -11.46
N GLN B 170 13.68 15.66 -11.92
CA GLN B 170 15.03 15.73 -12.48
C GLN B 170 16.07 16.15 -11.45
N LYS B 171 15.72 16.22 -10.18
CA LYS B 171 16.64 16.60 -9.12
C LYS B 171 17.02 15.37 -8.30
N SER B 172 18.21 15.44 -7.70
CA SER B 172 18.72 14.34 -6.90
C SER B 172 18.02 14.29 -5.55
N VAL B 173 17.56 13.11 -5.17
CA VAL B 173 16.94 12.86 -3.87
C VAL B 173 17.50 11.56 -3.34
N SER B 174 18.17 11.62 -2.19
CA SER B 174 18.79 10.46 -1.57
C SER B 174 17.98 10.08 -0.35
N VAL B 175 17.67 8.79 -0.23
CA VAL B 175 16.84 8.29 0.87
C VAL B 175 17.54 7.11 1.52
N PRO B 176 17.30 6.86 2.80
CA PRO B 176 17.72 5.57 3.39
C PRO B 176 16.68 4.51 3.13
N ILE B 177 16.83 3.33 3.72
CA ILE B 177 15.81 2.29 3.63
C ILE B 177 14.77 2.57 4.70
N PHE B 178 13.71 3.29 4.33
CA PHE B 178 12.67 3.66 5.27
C PHE B 178 12.13 2.45 6.02
N GLY B 179 11.98 2.60 7.34
CA GLY B 179 11.33 1.61 8.15
C GLY B 179 12.21 0.47 8.62
N SER B 180 13.48 0.43 8.22
CA SER B 180 14.40 -0.61 8.62
C SER B 180 15.07 -0.33 9.95
N GLY B 181 14.76 0.79 10.59
CA GLY B 181 15.28 1.10 11.90
C GLY B 181 14.42 0.52 13.02
N ILE B 182 14.10 1.34 14.01
CA ILE B 182 13.34 0.86 15.16
C ILE B 182 11.84 0.90 14.94
N THR B 183 11.39 1.32 13.77
CA THR B 183 9.95 1.31 13.49
C THR B 183 9.43 -0.12 13.54
N ARG B 184 8.41 -0.34 14.36
CA ARG B 184 7.67 -1.61 14.29
C ARG B 184 6.62 -1.46 13.20
N ILE B 185 6.82 -2.19 12.09
CA ILE B 185 5.77 -2.34 11.09
C ILE B 185 4.87 -3.46 11.60
N LYS B 186 3.65 -3.12 12.00
CA LYS B 186 2.80 -4.06 12.72
C LYS B 186 2.54 -5.29 11.87
N GLU B 187 2.72 -6.47 12.47
CA GLU B 187 2.63 -7.79 11.86
C GLU B 187 3.89 -8.13 11.08
N HIS B 188 4.91 -7.27 11.08
CA HIS B 188 6.11 -7.48 10.28
C HIS B 188 7.35 -7.08 11.07
N LYS B 189 7.41 -7.53 12.33
CA LYS B 189 8.55 -7.22 13.19
C LYS B 189 9.87 -7.58 12.52
N ASN B 190 9.91 -8.71 11.81
CA ASN B 190 11.15 -9.30 11.34
C ASN B 190 11.46 -9.01 9.88
N ILE B 191 10.66 -8.18 9.22
CA ILE B 191 10.90 -7.94 7.79
C ILE B 191 12.31 -7.43 7.58
N SER B 192 12.94 -7.91 6.52
CA SER B 192 14.36 -7.66 6.27
C SER B 192 14.57 -6.34 5.54
N ASP B 193 15.79 -5.81 5.64
CA ASP B 193 16.13 -4.60 4.92
C ASP B 193 15.94 -4.77 3.42
N GLU B 194 16.34 -5.93 2.87
CA GLU B 194 16.22 -6.14 1.44
C GLU B 194 14.75 -6.12 1.00
N ASP B 195 13.86 -6.71 1.80
CA ASP B 195 12.45 -6.71 1.46
C ASP B 195 11.86 -5.31 1.54
N LEU B 196 12.27 -4.52 2.54
CA LEU B 196 11.85 -3.12 2.56
C LEU B 196 12.40 -2.37 1.35
N LEU B 197 13.64 -2.66 0.97
CA LEU B 197 14.21 -2.05 -0.23
C LEU B 197 13.39 -2.40 -1.47
N LYS B 198 12.94 -3.65 -1.56
CA LYS B 198 12.15 -4.08 -2.70
C LYS B 198 10.81 -3.34 -2.74
N ILE B 199 10.16 -3.19 -1.59
CA ILE B 199 8.91 -2.44 -1.53
C ILE B 199 9.14 -1.00 -1.95
N MET B 200 10.21 -0.39 -1.45
CA MET B 200 10.54 0.97 -1.86
C MET B 200 10.68 1.06 -3.37
N LEU B 201 11.29 0.04 -3.99
CA LEU B 201 11.53 0.11 -5.43
C LEU B 201 10.24 -0.02 -6.23
N TRP B 202 9.37 -0.98 -5.89
CA TRP B 202 8.18 -1.13 -6.73
C TRP B 202 7.13 -0.08 -6.40
N THR B 203 7.09 0.46 -5.18
CA THR B 203 6.24 1.62 -4.95
C THR B 203 6.73 2.82 -5.75
N PHE B 204 8.05 2.96 -5.91
CA PHE B 204 8.58 4.05 -6.73
C PHE B 204 8.22 3.85 -8.19
N ARG B 205 8.30 2.61 -8.67
CA ARG B 205 7.88 2.33 -10.05
C ARG B 205 6.45 2.78 -10.29
N ILE B 206 5.55 2.49 -9.35
CA ILE B 206 4.15 2.88 -9.52
C ILE B 206 4.02 4.39 -9.59
N SER B 207 4.70 5.09 -8.67
CA SER B 207 4.60 6.53 -8.62
C SER B 207 5.05 7.16 -9.93
N GLU B 208 6.21 6.75 -10.43
CA GLU B 208 6.78 7.39 -11.61
C GLU B 208 6.11 6.96 -12.91
N MET B 209 5.20 5.99 -12.86
CA MET B 209 4.40 5.68 -14.04
C MET B 209 3.69 6.91 -14.58
N ARG B 210 3.34 7.85 -13.71
CA ARG B 210 2.54 9.01 -14.08
C ARG B 210 3.38 10.26 -14.29
N PHE B 211 4.70 10.14 -14.37
CA PHE B 211 5.59 11.29 -14.52
C PHE B 211 6.56 11.06 -15.67
N LYS B 212 6.60 12.00 -16.61
CA LYS B 212 7.58 11.92 -17.70
C LYS B 212 8.99 12.01 -17.14
N PHE B 213 9.25 13.02 -16.31
CA PHE B 213 10.56 13.24 -15.70
C PHE B 213 10.43 13.14 -14.19
N PRO B 214 10.66 11.97 -13.61
CA PRO B 214 10.59 11.83 -12.15
C PRO B 214 11.84 12.40 -11.49
N ALA B 215 11.90 12.27 -10.17
CA ALA B 215 13.09 12.66 -9.45
C ALA B 215 14.20 11.64 -9.69
N LYS B 216 15.43 12.08 -9.45
CA LYS B 216 16.62 11.23 -9.59
C LYS B 216 16.91 10.62 -8.23
N LEU B 217 16.48 9.37 -8.04
CA LEU B 217 16.49 8.75 -6.73
C LEU B 217 17.76 7.96 -6.49
N THR B 218 18.29 8.09 -5.28
CA THR B 218 19.38 7.24 -4.80
C THR B 218 18.96 6.67 -3.45
N ILE B 219 19.01 5.35 -3.34
CA ILE B 219 18.76 4.65 -2.08
C ILE B 219 20.11 4.27 -1.49
N VAL B 220 20.37 4.73 -0.27
CA VAL B 220 21.64 4.53 0.39
C VAL B 220 21.49 3.42 1.42
N ILE B 221 22.31 2.39 1.30
CA ILE B 221 22.43 1.34 2.31
C ILE B 221 23.64 1.69 3.17
N HIS B 222 23.46 1.74 4.48
CA HIS B 222 24.56 2.11 5.35
C HIS B 222 25.77 1.24 5.03
N LYS B 223 26.92 1.90 4.78
CA LYS B 223 28.08 1.20 4.25
C LYS B 223 28.38 -0.07 5.04
N ASP B 224 28.12 -0.05 6.35
CA ASP B 224 28.33 -1.24 7.18
C ASP B 224 27.14 -2.19 7.13
N LYS B 225 26.41 -2.22 6.01
CA LYS B 225 25.26 -3.10 5.91
C LYS B 225 25.05 -3.67 4.51
N ILE B 226 25.99 -3.49 3.57
CA ILE B 226 25.86 -4.18 2.29
C ILE B 226 25.97 -5.69 2.44
N ASP B 227 26.40 -6.17 3.62
CA ASP B 227 26.34 -7.60 3.88
C ASP B 227 24.89 -8.07 4.00
N LYS B 228 24.02 -7.24 4.59
CA LYS B 228 22.62 -7.59 4.75
C LYS B 228 21.87 -7.71 3.43
N ILE B 229 22.47 -7.29 2.32
CA ILE B 229 21.76 -7.17 1.05
C ILE B 229 22.68 -7.61 -0.08
N ASN B 230 22.15 -8.43 -0.99
CA ASN B 230 22.86 -8.80 -2.21
C ASN B 230 22.24 -8.01 -3.35
N LEU B 231 22.96 -6.97 -3.80
CA LEU B 231 22.44 -6.10 -4.84
C LEU B 231 22.18 -6.84 -6.14
N LEU B 232 22.75 -8.02 -6.34
CA LEU B 232 22.43 -8.81 -7.52
C LEU B 232 21.03 -9.40 -7.44
N ASP B 233 20.47 -9.52 -6.23
CA ASP B 233 19.07 -9.93 -6.09
C ASP B 233 18.14 -8.90 -6.75
N ILE B 234 18.71 -7.81 -7.25
CA ILE B 234 17.93 -6.72 -7.81
C ILE B 234 18.52 -6.27 -9.13
N1 AR6 C . -13.74 -14.84 -14.71
C2 AR6 C . -12.61 -14.18 -14.48
N3 AR6 C . -12.36 -12.88 -14.65
C4 AR6 C . -13.43 -12.23 -15.10
C5 AR6 C . -14.67 -12.78 -15.39
C6 AR6 C . -14.81 -14.17 -15.17
N6 AR6 C . -15.95 -14.85 -15.40
N7 AR6 C . -15.55 -11.82 -15.85
C8 AR6 C . -14.83 -10.72 -15.83
N9 AR6 C . -13.54 -10.89 -15.40
PA AR6 C . -14.71 -6.64 -12.05
PB AR6 C . -13.20 -4.56 -10.68
C1' AR6 C . -12.48 -9.90 -15.30
O1A AR6 C . -15.95 -6.31 -12.85
O1B AR6 C . -12.68 -3.23 -11.22
C1D AR6 C . -18.16 -2.37 -9.13
O1D AR6 C . -19.21 -1.52 -8.79
C2' AR6 C . -12.84 -8.51 -15.80
O2' AR6 C . -12.70 -8.42 -17.22
O2A AR6 C . -14.91 -7.33 -10.75
O2B AR6 C . -12.18 -5.40 -10.02
C2D AR6 C . -17.97 -3.43 -8.03
O2D AR6 C . -18.74 -3.14 -6.87
C3' AR6 C . -11.77 -7.68 -15.07
O3' AR6 C . -10.53 -7.69 -15.76
O3A AR6 C . -13.90 -5.28 -11.91
C3D AR6 C . -16.48 -3.41 -7.70
O3D AR6 C . -16.22 -2.79 -6.45
C4' AR6 C . -11.64 -8.40 -13.73
O4' AR6 C . -12.16 -9.73 -13.93
C4D AR6 C . -15.88 -2.61 -8.84
O4D AR6 C . -16.92 -1.68 -9.19
C5' AR6 C . -12.35 -7.74 -12.58
O5' AR6 C . -13.72 -7.50 -12.99
C5D AR6 C . -15.50 -3.41 -10.06
O5D AR6 C . -14.41 -4.28 -9.68
H2 AR6 C . -11.78 -14.79 -14.10
HN6 AR6 C . -15.93 -15.80 -15.76
HN6A AR6 C . -16.85 -14.44 -15.22
H8 AR6 C . -15.22 -9.75 -16.14
H1' AR6 C . -11.62 -10.33 -15.81
H1D AR6 C . -18.42 -2.77 -10.10
H2' AR6 C . -13.85 -8.20 -15.53
HO2' AR6 C . -12.91 -9.32 -17.59
H2D AR6 C . -18.25 -4.41 -8.45
HO2D AR6 C . -18.94 -2.16 -6.92
H3' AR6 C . -12.11 -6.64 -14.95
HO3' AR6 C . -10.41 -8.60 -16.14
H3D AR6 C . -16.06 -4.41 -7.58
HO3D AR6 C . -15.98 -3.49 -5.78
H4' AR6 C . -10.59 -8.58 -13.49
H4D AR6 C . -15.03 -2.00 -8.54
H5' AR6 C . -12.33 -8.38 -11.70
H5'A AR6 C . -11.87 -6.80 -12.31
H5D AR6 C . -16.34 -4.02 -10.40
H5DA AR6 C . -15.20 -2.78 -10.88
H1A AR6 C . -16.03 -5.86 -13.73
H1B AR6 C . -13.10 -2.65 -11.90
HD1 AR6 C . -18.98 -0.59 -9.07
N1 AR6 D . 23.51 6.39 6.00
C2 AR6 D . 22.64 5.50 5.50
N3 AR6 D . 21.83 4.66 6.16
C4 AR6 D . 21.96 4.80 7.48
C5 AR6 D . 22.82 5.66 8.14
C6 AR6 D . 23.63 6.49 7.34
N6 AR6 D . 24.50 7.38 7.83
N7 AR6 D . 22.70 5.53 9.51
C8 AR6 D . 21.78 4.60 9.65
N9 AR6 D . 21.29 4.12 8.47
PA AR6 D . 16.22 5.14 10.62
PB AR6 D . 13.51 4.19 10.37
C1' AR6 D . 20.29 3.09 8.27
O1A AR6 D . 16.91 5.29 11.98
O1B AR6 D . 12.78 2.97 10.96
C1D AR6 D . 11.85 7.38 14.72
O1D AR6 D . 11.19 7.98 15.79
C2' AR6 D . 19.74 2.46 9.55
O2' AR6 D . 20.61 1.45 10.02
O2A AR6 D . 15.70 6.38 10.00
O2B AR6 D . 13.39 4.38 8.91
C2D AR6 D . 11.97 8.38 13.57
O2D AR6 D . 11.23 9.56 13.85
C3' AR6 D . 18.42 1.89 9.02
O3' AR6 D . 18.60 0.60 8.44
O3A AR6 D . 15.03 4.11 10.82
C3D AR6 D . 11.40 7.66 12.34
O3D AR6 D . 10.09 8.10 12.01
C4' AR6 D . 17.99 2.90 7.97
O4' AR6 D . 19.17 3.66 7.63
C4D AR6 D . 11.39 6.21 12.79
O4D AR6 D . 11.11 6.28 14.19
C5' AR6 D . 16.89 3.83 8.41
O5' AR6 D . 17.28 4.41 9.67
C5D AR6 D . 12.68 5.46 12.56
O5D AR6 D . 12.95 5.48 11.14
H2 AR6 D . 22.59 5.46 4.41
HN6 AR6 D . 25.51 7.23 7.77
HN6A AR6 D . 24.20 8.24 8.27
H8 AR6 D . 21.43 4.23 10.62
H1' AR6 D . 20.73 2.35 7.60
H1D AR6 D . 12.80 7.03 15.13
H2' AR6 D . 19.56 3.19 10.35
HO2' AR6 D . 21.51 1.65 9.65
H2D AR6 D . 13.03 8.61 13.38
HO2D AR6 D . 10.51 9.28 14.47
H3' AR6 D . 17.69 1.80 9.83
HO3' AR6 D . 18.86 0.76 7.49
H3D AR6 D . 11.97 7.86 11.44
HO3D AR6 D . 10.15 8.77 11.28
H4' AR6 D . 17.75 2.41 7.03
H4D AR6 D . 10.57 5.63 12.36
H5' AR6 D . 16.72 4.60 7.66
H5'A AR6 D . 15.94 3.29 8.51
H5D AR6 D . 13.50 5.91 13.10
H5DA AR6 D . 12.59 4.42 12.90
H1A AR6 D . 17.14 4.58 12.64
H1B AR6 D . 12.93 2.57 11.85
HD1 AR6 D . 10.82 7.28 16.39
#